data_2GC0
#
_entry.id   2GC0
#
_cell.length_a   67.149
_cell.length_b   73.112
_cell.length_c   74.159
_cell.angle_alpha   90.00
_cell.angle_beta   90.00
_cell.angle_gamma   90.00
#
_symmetry.space_group_name_H-M   'P 21 21 21'
#
loop_
_entity.id
_entity.type
_entity.pdbx_description
1 polymer 'Glucose-6-phosphate isomerase'
2 non-polymer 'ZINC ION'
3 non-polymer '5-PHOSPHO-D-ARABINOHYDROXAMIC ACID'
4 water water
#
_entity_poly.entity_id   1
_entity_poly.type   'polypeptide(L)'
_entity_poly.pdbx_seq_one_letter_code
;MMYKEPFGVKVDFETGIIEGAKKSVRRLSDMEGYFVDERAWKELVEKEDPVVYEVYAVEQEEKEGDLNFATTVLYPGKVG
KEFFFTKGHFHAKLDRAEVYVALKGKGGMLLQTPEGDAKWISMEPGTVVYVPPYWAHRTVNIGDEPFIFLAIYPADAGHD
YGTIAEKGFSKIVIEENGEVKVVDNPRW
;
_entity_poly.pdbx_strand_id   A,B
#
loop_
_chem_comp.id
_chem_comp.type
_chem_comp.name
_chem_comp.formula
PAN non-polymer '5-PHOSPHO-D-ARABINOHYDROXAMIC ACID' 'C5 H12 N O9 P'
ZN non-polymer 'ZINC ION' 'Zn 2'
#
# COMPACT_ATOMS: atom_id res chain seq x y z
N MET A 1 -27.93 -6.25 -0.44
CA MET A 1 -27.29 -4.91 -0.44
C MET A 1 -26.39 -4.76 -1.67
N MET A 2 -26.06 -3.52 -1.99
CA MET A 2 -25.12 -3.23 -3.07
C MET A 2 -23.70 -3.40 -2.59
N TYR A 3 -22.89 -4.07 -3.41
CA TYR A 3 -21.46 -4.16 -3.18
C TYR A 3 -20.74 -3.31 -4.20
N LYS A 4 -19.67 -2.67 -3.76
CA LYS A 4 -18.87 -1.84 -4.66
C LYS A 4 -18.05 -2.74 -5.57
N GLU A 5 -17.74 -2.21 -6.74
CA GLU A 5 -17.04 -2.97 -7.76
C GLU A 5 -15.53 -2.99 -7.46
N PRO A 6 -14.93 -4.20 -7.43
CA PRO A 6 -13.47 -4.25 -7.32
C PRO A 6 -12.85 -3.80 -8.63
N PHE A 7 -11.68 -3.18 -8.55
CA PHE A 7 -10.96 -2.82 -9.77
C PHE A 7 -9.47 -2.90 -9.55
N GLY A 8 -8.77 -3.08 -10.66
CA GLY A 8 -7.33 -2.93 -10.72
C GLY A 8 -6.99 -1.73 -11.58
N VAL A 9 -5.91 -1.05 -11.20
CA VAL A 9 -5.38 0.07 -12.00
C VAL A 9 -3.86 -0.07 -12.09
N LYS A 10 -3.31 0.02 -13.30
CA LYS A 10 -1.87 -0.09 -13.51
C LYS A 10 -1.21 1.22 -13.13
N VAL A 11 -0.23 1.15 -12.23
CA VAL A 11 0.50 2.34 -11.79
C VAL A 11 1.96 2.19 -12.21
N ASP A 12 2.40 3.08 -13.11
CA ASP A 12 3.79 3.16 -13.54
C ASP A 12 4.59 3.76 -12.39
N PHE A 13 5.47 2.95 -11.78
CA PHE A 13 6.29 3.40 -10.64
C PHE A 13 7.28 4.50 -11.06
N GLU A 14 7.49 4.63 -12.36
CA GLU A 14 8.31 5.67 -12.95
C GLU A 14 7.59 7.02 -13.05
N THR A 15 6.25 7.01 -13.06
CA THR A 15 5.49 8.25 -13.22
C THR A 15 4.58 8.59 -12.03
N GLY A 16 4.11 7.57 -11.32
CA GLY A 16 3.08 7.74 -10.29
C GLY A 16 1.69 8.08 -10.80
N ILE A 17 1.51 8.16 -12.13
CA ILE A 17 0.22 8.49 -12.72
C ILE A 17 -0.81 7.36 -12.55
N ILE A 18 -1.97 7.72 -12.00
CA ILE A 18 -3.11 6.81 -11.89
C ILE A 18 -4.23 7.33 -12.78
N GLU A 19 -4.62 6.51 -13.76
CA GLU A 19 -5.76 6.85 -14.61
C GLU A 19 -7.04 6.72 -13.80
N GLY A 20 -7.97 7.65 -14.02
CA GLY A 20 -9.25 7.64 -13.32
C GLY A 20 -9.23 8.35 -11.99
N ALA A 21 -8.04 8.75 -11.55
CA ALA A 21 -7.86 9.41 -10.26
C ALA A 21 -8.15 10.92 -10.29
N LYS A 22 -8.44 11.50 -9.13
CA LYS A 22 -8.45 12.94 -8.95
C LYS A 22 -7.01 13.44 -8.88
N LYS A 23 -6.65 14.33 -9.80
CA LYS A 23 -5.31 14.92 -9.82
C LYS A 23 -5.34 16.29 -9.17
N SER A 24 -4.49 16.47 -8.16
CA SER A 24 -4.27 17.79 -7.56
C SER A 24 -2.83 18.25 -7.76
N VAL A 25 -2.65 19.56 -7.97
CA VAL A 25 -1.32 20.14 -8.21
C VAL A 25 -1.02 21.22 -7.17
N ARG A 26 0.14 21.11 -6.54
CA ARG A 26 0.60 22.16 -5.62
C ARG A 26 1.79 22.89 -6.22
N ARG A 27 1.59 24.18 -6.49
CA ARG A 27 2.67 25.08 -6.86
C ARG A 27 3.18 25.77 -5.63
N LEU A 28 4.37 26.37 -5.76
CA LEU A 28 4.97 27.13 -4.66
C LEU A 28 4.04 28.24 -4.14
N SER A 29 3.30 28.88 -5.06
CA SER A 29 2.33 29.91 -4.67
C SER A 29 1.19 29.38 -3.79
N ASP A 30 0.91 28.07 -3.86
CA ASP A 30 -0.09 27.40 -3.02
C ASP A 30 0.45 27.09 -1.64
N MET A 31 1.67 27.55 -1.37
CA MET A 31 2.40 27.18 -0.17
C MET A 31 3.00 28.39 0.56
N GLU A 32 2.25 29.49 0.60
CA GLU A 32 2.66 30.65 1.38
C GLU A 32 2.64 30.34 2.88
N GLY A 33 3.67 30.81 3.58
CA GLY A 33 3.84 30.61 5.01
C GLY A 33 4.29 29.20 5.38
N TYR A 34 4.91 28.52 4.42
CA TYR A 34 5.36 27.12 4.62
C TYR A 34 6.86 26.98 4.77
N PHE A 35 7.62 27.79 4.02
CA PHE A 35 9.08 27.71 4.03
C PHE A 35 9.69 28.81 4.87
N VAL A 36 10.76 28.46 5.58
CA VAL A 36 11.49 29.39 6.45
C VAL A 36 11.97 30.66 5.72
N ASP A 37 12.55 30.49 4.54
CA ASP A 37 13.12 31.62 3.79
C ASP A 37 12.04 32.28 2.90
N GLU A 38 11.34 33.24 3.49
CA GLU A 38 10.21 33.90 2.85
C GLU A 38 10.56 34.72 1.60
N ARG A 39 11.72 35.38 1.63
CA ARG A 39 12.21 36.14 0.47
C ARG A 39 12.60 35.23 -0.69
N ALA A 40 13.18 34.07 -0.35
CA ALA A 40 13.50 33.03 -1.33
C ALA A 40 12.23 32.47 -1.97
N TRP A 41 11.20 32.27 -1.14
CA TRP A 41 9.90 31.79 -1.61
C TRP A 41 9.31 32.77 -2.61
N LYS A 42 9.25 34.05 -2.22
CA LYS A 42 8.66 35.12 -3.02
C LYS A 42 9.31 35.25 -4.39
N GLU A 43 10.65 35.27 -4.41
CA GLU A 43 11.40 35.35 -5.65
C GLU A 43 11.10 34.17 -6.61
N LEU A 44 11.08 32.97 -6.05
CA LEU A 44 10.91 31.76 -6.84
C LEU A 44 9.51 31.69 -7.45
N VAL A 45 8.52 32.16 -6.71
CA VAL A 45 7.12 32.25 -7.16
C VAL A 45 6.99 33.22 -8.34
N GLU A 46 7.68 34.35 -8.27
CA GLU A 46 7.65 35.36 -9.32
C GLU A 46 8.42 34.94 -10.57
N LYS A 47 9.55 34.27 -10.38
CA LYS A 47 10.37 33.83 -11.51
C LYS A 47 9.80 32.63 -12.24
N GLU A 48 9.31 31.65 -11.48
CA GLU A 48 8.95 30.35 -12.07
C GLU A 48 7.61 29.79 -11.60
N ASP A 49 7.26 30.09 -10.34
CA ASP A 49 6.18 29.39 -9.61
C ASP A 49 6.15 27.88 -9.89
N PRO A 50 7.19 27.15 -9.42
CA PRO A 50 7.34 25.76 -9.85
C PRO A 50 6.27 24.87 -9.20
N VAL A 51 5.92 23.79 -9.90
CA VAL A 51 5.13 22.73 -9.30
C VAL A 51 6.00 22.03 -8.25
N VAL A 52 5.53 22.00 -7.02
CA VAL A 52 6.24 21.33 -5.94
C VAL A 52 5.84 19.85 -5.93
N TYR A 53 4.54 19.58 -6.03
CA TYR A 53 4.06 18.20 -6.12
C TYR A 53 2.69 18.04 -6.76
N GLU A 54 2.44 16.84 -7.26
CA GLU A 54 1.15 16.42 -7.77
C GLU A 54 0.68 15.17 -7.04
N VAL A 55 -0.64 15.07 -6.84
CA VAL A 55 -1.24 13.94 -6.16
C VAL A 55 -2.29 13.30 -7.09
N TYR A 56 -2.26 11.97 -7.21
CA TYR A 56 -3.30 11.21 -7.91
C TYR A 56 -3.99 10.38 -6.86
N ALA A 57 -5.21 10.80 -6.49
CA ALA A 57 -5.95 10.16 -5.40
C ALA A 57 -7.15 9.35 -5.90
N VAL A 58 -7.25 8.12 -5.40
CA VAL A 58 -8.41 7.28 -5.64
C VAL A 58 -9.11 7.16 -4.30
N GLU A 59 -10.23 7.86 -4.17
CA GLU A 59 -10.83 8.05 -2.86
C GLU A 59 -12.26 7.52 -2.73
N GLN A 60 -12.52 6.85 -1.63
CA GLN A 60 -13.84 6.30 -1.37
C GLN A 60 -14.61 7.27 -0.47
N GLU A 61 -15.87 6.93 -0.19
CA GLU A 61 -16.64 7.65 0.83
C GLU A 61 -15.96 7.54 2.18
N GLU A 62 -16.20 8.51 3.05
CA GLU A 62 -15.55 8.57 4.36
C GLU A 62 -16.20 7.60 5.35
N LYS A 63 -16.06 6.31 5.08
CA LYS A 63 -16.55 5.23 5.91
C LYS A 63 -15.44 4.48 6.62
N GLU A 64 -15.73 4.09 7.86
CA GLU A 64 -14.88 3.22 8.66
C GLU A 64 -14.63 1.89 7.93
N GLY A 65 -13.38 1.43 7.98
CA GLY A 65 -13.00 0.15 7.39
C GLY A 65 -12.54 0.22 5.95
N ASP A 66 -12.92 1.29 5.24
CA ASP A 66 -12.61 1.43 3.81
C ASP A 66 -11.22 2.07 3.64
N LEU A 67 -10.70 2.02 2.42
CA LEU A 67 -9.34 2.51 2.16
C LEU A 67 -9.26 3.42 0.95
N ASN A 68 -8.49 4.49 1.12
CA ASN A 68 -8.09 5.37 0.02
C ASN A 68 -6.64 5.09 -0.34
N PHE A 69 -6.29 5.34 -1.60
CA PHE A 69 -4.89 5.34 -2.01
C PHE A 69 -4.58 6.48 -2.96
N ALA A 70 -3.37 6.98 -2.84
CA ALA A 70 -2.91 8.09 -3.65
C ALA A 70 -1.40 7.99 -3.89
N THR A 71 -0.98 8.29 -5.11
CA THR A 71 0.44 8.50 -5.37
C THR A 71 0.75 9.99 -5.27
N THR A 72 1.98 10.31 -4.89
CA THR A 72 2.49 11.68 -4.97
C THR A 72 3.76 11.69 -5.78
N VAL A 73 3.83 12.66 -6.70
CA VAL A 73 5.07 13.02 -7.38
C VAL A 73 5.58 14.30 -6.74
N LEU A 74 6.63 14.19 -5.94
CA LEU A 74 7.22 15.31 -5.24
C LEU A 74 8.46 15.70 -6.00
N TYR A 75 8.40 16.87 -6.64
CA TYR A 75 9.48 17.36 -7.50
C TYR A 75 10.70 17.85 -6.73
N PRO A 76 11.90 17.75 -7.36
CA PRO A 76 13.13 18.18 -6.70
C PRO A 76 13.26 19.70 -6.66
N GLY A 77 13.90 20.21 -5.62
CA GLY A 77 14.15 21.63 -5.55
C GLY A 77 14.36 22.14 -4.14
N LYS A 78 14.70 23.43 -4.06
CA LYS A 78 14.93 24.11 -2.79
C LYS A 78 14.26 25.47 -2.75
N VAL A 79 13.81 25.85 -1.55
CA VAL A 79 13.48 27.24 -1.25
C VAL A 79 14.55 27.72 -0.28
N GLY A 80 15.57 28.38 -0.83
CA GLY A 80 16.78 28.67 -0.09
C GLY A 80 17.50 27.38 0.19
N LYS A 81 17.77 27.11 1.48
CA LYS A 81 18.43 25.89 1.93
C LYS A 81 17.46 24.71 2.10
N GLU A 82 16.16 25.02 2.14
CA GLU A 82 15.12 24.07 2.48
C GLU A 82 14.59 23.25 1.29
N PHE A 83 14.69 21.92 1.40
CA PHE A 83 14.20 21.03 0.33
C PHE A 83 12.68 21.10 0.11
N PHE A 84 12.27 20.92 -1.15
CA PHE A 84 10.85 20.85 -1.51
C PHE A 84 10.18 19.80 -0.65
N PHE A 85 8.97 20.11 -0.18
CA PHE A 85 8.23 19.18 0.67
C PHE A 85 6.74 19.29 0.37
N THR A 86 5.96 18.36 0.92
CA THR A 86 4.49 18.46 0.94
C THR A 86 4.03 19.34 2.12
N LYS A 87 2.88 19.98 1.97
CA LYS A 87 2.33 20.81 3.04
C LYS A 87 2.39 20.10 4.40
N GLY A 88 1.95 18.86 4.45
CA GLY A 88 1.95 18.12 5.70
C GLY A 88 0.64 18.29 6.42
N HIS A 89 0.22 17.25 7.13
CA HIS A 89 -1.05 17.26 7.83
C HIS A 89 -1.07 16.18 8.89
N PHE A 90 -1.95 16.42 9.87
CA PHE A 90 -2.50 15.38 10.73
C PHE A 90 -3.74 14.89 10.00
N HIS A 91 -4.26 13.73 10.39
CA HIS A 91 -5.56 13.33 9.89
C HIS A 91 -6.65 13.99 10.70
N ALA A 92 -7.80 14.24 10.07
CA ALA A 92 -8.96 14.81 10.75
C ALA A 92 -9.37 13.92 11.93
N LYS A 93 -9.41 12.60 11.69
CA LYS A 93 -9.47 11.62 12.78
C LYS A 93 -8.04 11.27 13.17
N LEU A 94 -7.58 11.85 14.29
CA LEU A 94 -6.17 11.79 14.71
C LEU A 94 -5.54 10.40 14.76
N ASP A 95 -6.30 9.41 15.22
CA ASP A 95 -5.76 8.07 15.42
C ASP A 95 -5.72 7.19 14.16
N ARG A 96 -5.95 7.77 12.98
CA ARG A 96 -5.79 7.04 11.73
C ARG A 96 -4.32 6.91 11.34
N ALA A 97 -3.92 5.67 11.11
CA ALA A 97 -2.59 5.35 10.63
C ALA A 97 -2.55 5.46 9.10
N GLU A 98 -1.35 5.33 8.54
CA GLU A 98 -1.14 5.40 7.11
C GLU A 98 0.09 4.59 6.75
N VAL A 99 0.10 4.05 5.53
CA VAL A 99 1.24 3.30 5.01
C VAL A 99 1.71 3.92 3.70
N TYR A 100 3.01 4.21 3.64
CA TYR A 100 3.67 4.74 2.45
C TYR A 100 4.60 3.71 1.84
N VAL A 101 4.57 3.62 0.51
CA VAL A 101 5.46 2.74 -0.24
C VAL A 101 6.24 3.61 -1.19
N ALA A 102 7.52 3.85 -0.89
CA ALA A 102 8.38 4.66 -1.76
C ALA A 102 8.68 3.93 -3.08
N LEU A 103 8.43 4.61 -4.18
CA LEU A 103 8.48 3.99 -5.51
C LEU A 103 9.67 4.45 -6.35
N LYS A 104 10.01 5.73 -6.27
CA LYS A 104 11.07 6.29 -7.09
C LYS A 104 11.75 7.46 -6.39
N GLY A 105 13.07 7.57 -6.55
CA GLY A 105 13.80 8.74 -6.06
C GLY A 105 14.31 8.64 -4.64
N LYS A 106 14.76 9.77 -4.12
CA LYS A 106 15.37 9.85 -2.79
C LYS A 106 14.64 10.90 -1.98
N GLY A 107 14.14 10.50 -0.82
CA GLY A 107 13.45 11.45 0.02
C GLY A 107 13.36 10.94 1.43
N GLY A 108 12.31 11.35 2.11
CA GLY A 108 12.10 10.88 3.46
C GLY A 108 10.81 11.46 4.00
N MET A 109 10.51 11.07 5.23
CA MET A 109 9.33 11.56 5.88
C MET A 109 9.68 12.22 7.19
N LEU A 110 9.16 13.43 7.37
CA LEU A 110 9.14 14.08 8.66
C LEU A 110 7.80 13.80 9.29
N LEU A 111 7.83 13.33 10.53
CA LEU A 111 6.62 13.05 11.28
C LEU A 111 6.73 13.76 12.63
N GLN A 112 5.60 14.27 13.12
CA GLN A 112 5.55 14.80 14.47
C GLN A 112 4.19 14.61 15.15
N THR A 113 4.24 14.45 16.46
CA THR A 113 3.04 14.32 17.30
C THR A 113 2.45 15.69 17.62
N PRO A 114 1.23 15.70 18.21
CA PRO A 114 0.63 16.96 18.71
C PRO A 114 1.49 17.69 19.76
N GLU A 115 2.42 16.97 20.40
CA GLU A 115 3.39 17.56 21.35
C GLU A 115 4.71 18.00 20.72
N GLY A 116 4.84 17.81 19.41
CA GLY A 116 6.06 18.20 18.69
C GLY A 116 7.19 17.21 18.75
N ASP A 117 6.94 16.00 19.27
CA ASP A 117 7.88 14.87 19.14
C ASP A 117 8.12 14.70 17.64
N ALA A 118 9.39 14.67 17.24
CA ALA A 118 9.73 14.70 15.83
C ALA A 118 10.56 13.49 15.39
N LYS A 119 10.20 12.94 14.23
CA LYS A 119 10.86 11.76 13.69
C LYS A 119 11.18 11.99 12.21
N TRP A 120 12.37 11.56 11.79
CA TRP A 120 12.79 11.55 10.39
C TRP A 120 13.00 10.11 9.91
N ILE A 121 12.36 9.73 8.80
CA ILE A 121 12.52 8.40 8.22
C ILE A 121 12.99 8.53 6.78
N SER A 122 14.20 8.05 6.52
CA SER A 122 14.79 8.00 5.18
C SER A 122 13.95 7.13 4.24
N MET A 123 13.72 7.59 3.02
CA MET A 123 12.95 6.81 2.05
C MET A 123 13.67 6.64 0.70
N GLU A 124 13.76 5.39 0.26
CA GLU A 124 14.30 5.07 -1.05
C GLU A 124 13.39 4.00 -1.62
N PRO A 125 13.50 3.71 -2.94
CA PRO A 125 12.55 2.75 -3.51
C PRO A 125 12.55 1.42 -2.75
N GLY A 126 11.35 0.96 -2.37
CA GLY A 126 11.23 -0.24 -1.55
C GLY A 126 11.00 0.04 -0.06
N THR A 127 11.27 1.27 0.37
CA THR A 127 11.00 1.64 1.75
C THR A 127 9.49 1.76 1.97
N VAL A 128 9.01 0.98 2.92
CA VAL A 128 7.64 1.10 3.40
C VAL A 128 7.69 1.78 4.76
N VAL A 129 6.89 2.84 4.90
CA VAL A 129 6.82 3.61 6.14
C VAL A 129 5.49 3.40 6.85
N TYR A 130 5.57 2.95 8.09
CA TYR A 130 4.40 2.94 8.97
C TYR A 130 4.27 4.31 9.65
N VAL A 131 3.20 5.02 9.29
CA VAL A 131 2.79 6.26 9.93
C VAL A 131 1.77 5.95 11.02
N PRO A 132 2.18 5.98 12.30
CA PRO A 132 1.25 5.54 13.33
C PRO A 132 0.13 6.56 13.62
N PRO A 133 -0.92 6.12 14.31
CA PRO A 133 -1.92 7.05 14.82
C PRO A 133 -1.29 8.28 15.48
N TYR A 134 -1.84 9.46 15.19
CA TYR A 134 -1.49 10.74 15.86
C TYR A 134 -0.27 11.46 15.31
N TRP A 135 0.45 10.83 14.39
CA TRP A 135 1.63 11.46 13.79
C TRP A 135 1.29 12.24 12.53
N ALA A 136 1.49 13.56 12.57
CA ALA A 136 1.45 14.40 11.37
C ALA A 136 2.60 13.98 10.48
N HIS A 137 2.45 14.15 9.17
CA HIS A 137 3.48 13.68 8.24
C HIS A 137 3.66 14.59 7.04
N ARG A 138 4.93 14.83 6.72
CA ARG A 138 5.34 15.58 5.56
C ARG A 138 6.41 14.77 4.85
N THR A 139 6.34 14.71 3.54
CA THR A 139 7.41 14.08 2.76
C THR A 139 8.33 15.11 2.15
N VAL A 140 9.59 14.74 1.97
CA VAL A 140 10.64 15.66 1.53
C VAL A 140 11.43 15.01 0.39
N ASN A 141 11.71 15.79 -0.64
CA ASN A 141 12.56 15.35 -1.71
C ASN A 141 13.97 15.92 -1.47
N ILE A 142 14.89 15.03 -1.11
CA ILE A 142 16.29 15.43 -0.86
C ILE A 142 17.23 15.12 -2.02
N GLY A 143 16.67 14.77 -3.17
CA GLY A 143 17.47 14.45 -4.35
C GLY A 143 17.16 15.38 -5.51
N ASP A 144 17.67 15.04 -6.69
CA ASP A 144 17.49 15.88 -7.87
C ASP A 144 16.59 15.27 -8.94
N GLU A 145 15.88 14.21 -8.58
CA GLU A 145 14.86 13.60 -9.44
C GLU A 145 13.54 13.54 -8.65
N PRO A 146 12.40 13.43 -9.35
CA PRO A 146 11.10 13.25 -8.68
C PRO A 146 11.11 12.13 -7.64
N PHE A 147 10.54 12.43 -6.46
CA PHE A 147 10.39 11.46 -5.40
C PHE A 147 8.94 11.01 -5.46
N ILE A 148 8.77 9.73 -5.77
CA ILE A 148 7.45 9.17 -6.02
C ILE A 148 7.10 8.09 -5.00
N PHE A 149 5.90 8.20 -4.44
CA PHE A 149 5.48 7.22 -3.46
C PHE A 149 3.99 6.99 -3.53
N LEU A 150 3.57 5.86 -2.99
CA LEU A 150 2.16 5.54 -2.87
C LEU A 150 1.76 5.55 -1.39
N ALA A 151 0.61 6.17 -1.12
CA ALA A 151 0.07 6.21 0.24
C ALA A 151 -1.28 5.50 0.31
N ILE A 152 -1.42 4.64 1.30
CA ILE A 152 -2.68 3.95 1.57
C ILE A 152 -3.15 4.37 2.95
N TYR A 153 -4.40 4.82 3.03
CA TYR A 153 -4.93 5.40 4.26
C TYR A 153 -6.42 5.16 4.42
N PRO A 154 -6.88 5.08 5.67
CA PRO A 154 -8.31 4.91 5.94
C PRO A 154 -9.12 6.00 5.26
N ALA A 155 -10.22 5.60 4.63
CA ALA A 155 -11.08 6.49 3.86
C ALA A 155 -11.68 7.59 4.73
N ASP A 156 -11.76 7.33 6.04
CA ASP A 156 -12.31 8.31 6.96
C ASP A 156 -11.26 9.13 7.73
N ALA A 157 -9.99 9.01 7.33
CA ALA A 157 -8.89 9.72 8.01
C ALA A 157 -9.04 11.23 7.92
N GLY A 158 -9.40 11.72 6.73
CA GLY A 158 -9.45 13.16 6.47
C GLY A 158 -8.06 13.78 6.44
N HIS A 159 -8.01 15.07 6.13
CA HIS A 159 -6.77 15.85 6.10
C HIS A 159 -6.95 17.09 6.98
N ASP A 160 -6.08 17.24 7.97
CA ASP A 160 -6.08 18.41 8.86
C ASP A 160 -4.79 19.23 8.66
N TYR A 161 -4.92 20.34 7.94
CA TYR A 161 -3.77 21.14 7.52
C TYR A 161 -3.47 22.36 8.38
N GLY A 162 -4.48 22.82 9.12
CA GLY A 162 -4.46 24.11 9.82
C GLY A 162 -3.28 24.38 10.73
N THR A 163 -3.06 23.51 11.71
CA THR A 163 -2.03 23.76 12.72
C THR A 163 -0.61 23.70 12.14
N ILE A 164 -0.41 22.82 11.16
CA ILE A 164 0.86 22.77 10.41
C ILE A 164 1.04 24.03 9.56
N ALA A 165 -0.05 24.48 8.93
CA ALA A 165 -0.01 25.68 8.07
C ALA A 165 0.47 26.94 8.80
N GLU A 166 0.11 27.06 10.08
CA GLU A 166 0.50 28.22 10.88
C GLU A 166 1.83 28.06 11.61
N LYS A 167 2.12 26.85 12.06
CA LYS A 167 3.23 26.59 12.98
C LYS A 167 4.39 25.78 12.35
N GLY A 168 4.09 25.06 11.28
CA GLY A 168 5.07 24.22 10.59
C GLY A 168 5.49 23.01 11.41
N PHE A 169 6.55 22.34 10.97
CA PHE A 169 7.12 21.22 11.73
C PHE A 169 8.25 21.69 12.64
N SER A 170 8.46 20.97 13.74
CA SER A 170 9.50 21.33 14.72
C SER A 170 10.92 21.16 14.18
N LYS A 171 11.04 20.36 13.12
CA LYS A 171 12.29 20.20 12.38
C LYS A 171 12.16 20.61 10.92
N ILE A 172 13.26 21.09 10.36
CA ILE A 172 13.34 21.39 8.94
C ILE A 172 14.46 20.57 8.28
N VAL A 173 14.35 20.38 6.97
CA VAL A 173 15.29 19.53 6.25
C VAL A 173 16.00 20.37 5.19
N ILE A 174 17.29 20.59 5.43
CA ILE A 174 18.05 21.55 4.66
C ILE A 174 19.30 20.94 4.05
N GLU A 175 19.85 21.62 3.05
CA GLU A 175 21.20 21.36 2.64
C GLU A 175 22.09 22.45 3.21
N GLU A 176 23.13 22.03 3.92
CA GLU A 176 24.05 22.92 4.59
C GLU A 176 25.41 22.25 4.58
N ASN A 177 26.43 22.99 4.13
CA ASN A 177 27.80 22.48 4.07
C ASN A 177 27.91 21.17 3.25
N GLY A 178 27.12 21.09 2.18
CA GLY A 178 27.07 19.91 1.31
C GLY A 178 26.31 18.72 1.86
N GLU A 179 25.71 18.87 3.04
CA GLU A 179 25.01 17.77 3.71
C GLU A 179 23.50 17.99 3.73
N VAL A 180 22.75 16.90 3.70
CA VAL A 180 21.34 16.91 4.06
C VAL A 180 21.27 16.90 5.59
N LYS A 181 20.62 17.90 6.16
CA LYS A 181 20.52 18.01 7.61
C LYS A 181 19.09 18.13 8.08
N VAL A 182 18.75 17.39 9.13
CA VAL A 182 17.46 17.54 9.80
C VAL A 182 17.74 18.28 11.10
N VAL A 183 17.30 19.53 11.16
CA VAL A 183 17.63 20.39 12.29
C VAL A 183 16.39 21.07 12.85
N ASP A 184 16.49 21.59 14.07
CA ASP A 184 15.41 22.37 14.66
C ASP A 184 14.96 23.52 13.75
N ASN A 185 13.65 23.68 13.59
CA ASN A 185 13.07 24.81 12.87
C ASN A 185 13.30 26.06 13.73
N PRO A 186 13.95 27.09 13.17
CA PRO A 186 14.15 28.36 13.88
C PRO A 186 12.84 29.12 14.14
N ARG A 187 11.91 29.07 13.18
CA ARG A 187 10.60 29.74 13.33
C ARG A 187 9.65 28.99 14.25
N TRP A 188 10.07 27.83 14.74
CA TRP A 188 9.28 27.02 15.66
C TRP A 188 9.60 27.41 17.10
N MET B 1 0.86 10.64 27.21
CA MET B 1 0.91 10.84 25.73
C MET B 1 1.83 9.84 25.06
N MET B 2 1.66 8.57 25.39
CA MET B 2 2.38 7.51 24.69
C MET B 2 1.85 7.46 23.27
N TYR B 3 2.78 7.48 22.33
CA TYR B 3 2.50 7.19 20.94
C TYR B 3 3.39 6.05 20.50
N LYS B 4 2.96 5.36 19.46
CA LYS B 4 3.78 4.32 18.87
C LYS B 4 4.83 4.97 18.00
N GLU B 5 5.94 4.27 17.83
CA GLU B 5 7.06 4.76 17.04
C GLU B 5 6.80 4.57 15.54
N PRO B 6 6.96 5.65 14.76
CA PRO B 6 7.01 5.50 13.31
C PRO B 6 8.26 4.71 12.93
N PHE B 7 8.19 3.96 11.83
CA PHE B 7 9.35 3.24 11.34
C PHE B 7 9.30 3.06 9.82
N GLY B 8 10.47 2.83 9.23
CA GLY B 8 10.58 2.41 7.83
C GLY B 8 11.16 1.01 7.80
N VAL B 9 10.68 0.18 6.88
CA VAL B 9 11.26 -1.14 6.61
C VAL B 9 11.50 -1.27 5.12
N LYS B 10 12.60 -1.93 4.75
CA LYS B 10 12.88 -2.22 3.36
C LYS B 10 12.06 -3.43 2.91
N VAL B 11 11.29 -3.25 1.85
CA VAL B 11 10.64 -4.36 1.16
C VAL B 11 11.41 -4.55 -0.15
N ASP B 12 11.97 -5.74 -0.31
CA ASP B 12 12.63 -6.12 -1.57
C ASP B 12 11.56 -6.54 -2.58
N PHE B 13 11.40 -5.73 -3.62
CA PHE B 13 10.35 -5.98 -4.64
C PHE B 13 10.66 -7.21 -5.49
N GLU B 14 11.93 -7.60 -5.50
CA GLU B 14 12.41 -8.79 -6.25
C GLU B 14 12.14 -10.12 -5.55
N THR B 15 12.05 -10.11 -4.22
CA THR B 15 11.93 -11.36 -3.46
C THR B 15 10.71 -11.38 -2.55
N GLY B 16 10.16 -10.21 -2.23
CA GLY B 16 9.02 -10.10 -1.31
C GLY B 16 9.38 -10.03 0.17
N ILE B 17 10.65 -10.24 0.48
CA ILE B 17 11.13 -10.34 1.85
C ILE B 17 11.11 -8.99 2.56
N ILE B 18 10.51 -8.97 3.75
CA ILE B 18 10.59 -7.84 4.64
C ILE B 18 11.40 -8.30 5.85
N GLU B 19 12.62 -7.80 6.02
CA GLU B 19 13.44 -8.21 7.16
C GLU B 19 12.81 -7.69 8.44
N GLY B 20 12.65 -8.59 9.41
CA GLY B 20 12.01 -8.26 10.69
C GLY B 20 10.52 -8.60 10.77
N ALA B 21 9.92 -8.95 9.64
CA ALA B 21 8.48 -9.27 9.59
C ALA B 21 8.16 -10.65 10.16
N LYS B 22 6.89 -10.85 10.50
CA LYS B 22 6.41 -12.18 10.89
C LYS B 22 6.22 -13.01 9.62
N LYS B 23 7.10 -13.99 9.43
CA LYS B 23 7.07 -14.88 8.26
C LYS B 23 6.19 -16.11 8.50
N SER B 24 5.29 -16.39 7.56
CA SER B 24 4.41 -17.56 7.61
C SER B 24 4.61 -18.41 6.36
N VAL B 25 4.66 -19.72 6.52
CA VAL B 25 4.80 -20.64 5.38
C VAL B 25 3.53 -21.48 5.26
N ARG B 26 3.02 -21.61 4.04
CA ARG B 26 1.87 -22.48 3.79
C ARG B 26 2.26 -23.53 2.77
N ARG B 27 2.33 -24.78 3.21
CA ARG B 27 2.66 -25.89 2.33
C ARG B 27 1.38 -26.44 1.72
N LEU B 28 1.53 -27.16 0.62
CA LEU B 28 0.38 -27.80 -0.04
C LEU B 28 -0.40 -28.70 0.93
N SER B 29 0.32 -29.37 1.84
CA SER B 29 -0.31 -30.28 2.80
C SER B 29 -1.24 -29.55 3.77
N ASP B 30 -1.07 -28.23 3.86
CA ASP B 30 -1.95 -27.40 4.68
C ASP B 30 -3.21 -26.96 3.91
N MET B 31 -3.39 -27.50 2.71
CA MET B 31 -4.49 -27.05 1.85
C MET B 31 -5.44 -28.18 1.40
N GLU B 32 -5.75 -29.11 2.32
CA GLU B 32 -6.74 -30.15 2.03
C GLU B 32 -8.12 -29.53 1.83
N GLY B 33 -8.84 -29.98 0.82
CA GLY B 33 -10.18 -29.48 0.55
C GLY B 33 -10.25 -28.18 -0.22
N TYR B 34 -9.11 -27.76 -0.80
CA TYR B 34 -9.04 -26.47 -1.52
C TYR B 34 -9.04 -26.59 -3.04
N PHE B 35 -8.41 -27.63 -3.56
CA PHE B 35 -8.30 -27.84 -5.00
C PHE B 35 -9.31 -28.85 -5.51
N VAL B 36 -9.86 -28.59 -6.69
CA VAL B 36 -10.82 -29.48 -7.36
C VAL B 36 -10.30 -30.92 -7.50
N ASP B 37 -9.06 -31.06 -7.95
CA ASP B 37 -8.52 -32.37 -8.24
C ASP B 37 -7.83 -32.89 -6.98
N GLU B 38 -8.61 -33.56 -6.13
CA GLU B 38 -8.16 -34.08 -4.85
C GLU B 38 -7.07 -35.14 -4.95
N ARG B 39 -7.17 -36.01 -5.97
CA ARG B 39 -6.16 -37.04 -6.23
C ARG B 39 -4.86 -36.39 -6.66
N ALA B 40 -4.94 -35.33 -7.46
CA ALA B 40 -3.76 -34.58 -7.85
C ALA B 40 -3.11 -33.88 -6.65
N TRP B 41 -3.95 -33.33 -5.77
CA TRP B 41 -3.49 -32.73 -4.52
C TRP B 41 -2.76 -33.76 -3.65
N LYS B 42 -3.39 -34.92 -3.47
CA LYS B 42 -2.84 -35.97 -2.61
C LYS B 42 -1.47 -36.43 -3.11
N GLU B 43 -1.36 -36.64 -4.42
CA GLU B 43 -0.11 -37.10 -5.02
C GLU B 43 1.02 -36.10 -4.89
N LEU B 44 0.73 -34.83 -5.16
CA LEU B 44 1.77 -33.79 -5.08
C LEU B 44 2.23 -33.57 -3.63
N VAL B 45 1.31 -33.73 -2.67
CA VAL B 45 1.64 -33.69 -1.23
C VAL B 45 2.53 -34.87 -0.83
N GLU B 46 2.19 -36.06 -1.29
CA GLU B 46 2.92 -37.28 -0.91
C GLU B 46 4.34 -37.33 -1.47
N LYS B 47 4.51 -36.80 -2.68
CA LYS B 47 5.82 -36.85 -3.35
C LYS B 47 6.74 -35.64 -3.11
N GLU B 48 6.19 -34.47 -2.83
CA GLU B 48 6.99 -33.25 -2.67
C GLU B 48 6.50 -32.37 -1.51
N ASP B 49 5.20 -32.10 -1.49
CA ASP B 49 4.58 -31.14 -0.57
C ASP B 49 5.23 -29.75 -0.66
N PRO B 50 5.13 -29.08 -1.83
CA PRO B 50 5.78 -27.79 -2.02
C PRO B 50 5.20 -26.71 -1.11
N VAL B 51 6.01 -25.68 -0.83
CA VAL B 51 5.49 -24.44 -0.26
C VAL B 51 4.64 -23.78 -1.35
N VAL B 52 3.39 -23.47 -1.02
CA VAL B 52 2.51 -22.80 -1.98
C VAL B 52 2.76 -21.30 -1.88
N TYR B 53 2.83 -20.79 -0.66
CA TYR B 53 3.16 -19.39 -0.45
C TYR B 53 3.74 -19.08 0.90
N GLU B 54 4.36 -17.92 0.96
CA GLU B 54 4.94 -17.38 2.17
C GLU B 54 4.41 -15.98 2.36
N VAL B 55 4.22 -15.59 3.60
CA VAL B 55 3.74 -14.25 3.94
C VAL B 55 4.78 -13.62 4.87
N TYR B 56 5.09 -12.35 4.62
CA TYR B 56 5.87 -11.53 5.56
C TYR B 56 4.98 -10.38 6.04
N ALA B 57 4.55 -10.46 7.29
CA ALA B 57 3.52 -9.55 7.80
C ALA B 57 4.05 -8.62 8.88
N VAL B 58 3.71 -7.34 8.76
CA VAL B 58 4.00 -6.35 9.78
C VAL B 58 2.66 -5.91 10.36
N GLU B 59 2.33 -6.43 11.53
CA GLU B 59 0.99 -6.29 12.09
C GLU B 59 0.96 -5.47 13.36
N GLN B 60 -0.09 -4.67 13.50
CA GLN B 60 -0.32 -3.87 14.70
C GLN B 60 -1.40 -4.56 15.53
N GLU B 61 -1.69 -4.03 16.70
CA GLU B 61 -2.82 -4.51 17.51
C GLU B 61 -4.11 -4.24 16.76
N GLU B 62 -5.14 -5.02 17.05
CA GLU B 62 -6.43 -4.90 16.36
C GLU B 62 -7.21 -3.68 16.85
N LYS B 63 -6.79 -2.49 16.40
CA LYS B 63 -7.49 -1.26 16.72
C LYS B 63 -8.10 -0.65 15.47
N GLU B 64 -9.24 0.01 15.64
CA GLU B 64 -9.87 0.77 14.56
C GLU B 64 -8.94 1.89 14.06
N GLY B 65 -8.86 2.04 12.75
CA GLY B 65 -8.10 3.13 12.14
C GLY B 65 -6.62 2.83 11.92
N ASP B 66 -6.15 1.73 12.50
CA ASP B 66 -4.76 1.34 12.34
C ASP B 66 -4.61 0.47 11.09
N LEU B 67 -3.38 0.17 10.68
CA LEU B 67 -3.12 -0.54 9.43
C LEU B 67 -2.01 -1.58 9.56
N ASN B 68 -2.26 -2.72 8.93
CA ASN B 68 -1.26 -3.76 8.75
C ASN B 68 -0.75 -3.77 7.31
N PHE B 69 0.43 -4.32 7.11
CA PHE B 69 0.87 -4.62 5.75
C PHE B 69 1.64 -5.92 5.69
N ALA B 70 1.57 -6.57 4.54
CA ALA B 70 2.20 -7.86 4.34
C ALA B 70 2.46 -8.11 2.85
N THR B 71 3.61 -8.71 2.57
CA THR B 71 3.89 -9.23 1.23
C THR B 71 3.57 -10.73 1.21
N THR B 72 3.23 -11.24 0.03
CA THR B 72 3.07 -12.67 -0.20
C THR B 72 3.95 -13.06 -1.36
N VAL B 73 4.68 -14.17 -1.18
CA VAL B 73 5.36 -14.82 -2.30
C VAL B 73 4.52 -16.06 -2.64
N LEU B 74 3.78 -16.00 -3.74
CA LEU B 74 2.94 -17.13 -4.18
C LEU B 74 3.71 -17.84 -5.26
N TYR B 75 4.15 -19.06 -4.96
CA TYR B 75 5.02 -19.83 -5.83
C TYR B 75 4.25 -20.40 -7.03
N PRO B 76 4.96 -20.61 -8.17
CA PRO B 76 4.30 -21.13 -9.34
C PRO B 76 4.02 -22.62 -9.20
N GLY B 77 2.88 -23.06 -9.71
CA GLY B 77 2.55 -24.46 -9.71
C GLY B 77 1.10 -24.68 -10.05
N LYS B 78 0.76 -25.96 -10.24
CA LYS B 78 -0.60 -26.40 -10.50
C LYS B 78 -0.92 -27.65 -9.70
N VAL B 79 -2.21 -27.78 -9.35
CA VAL B 79 -2.75 -29.02 -8.81
C VAL B 79 -3.73 -29.57 -9.85
N GLY B 80 -3.25 -30.56 -10.62
CA GLY B 80 -3.93 -30.95 -11.84
C GLY B 80 -3.83 -29.81 -12.85
N LYS B 81 -4.97 -29.21 -13.19
CA LYS B 81 -5.03 -28.10 -14.13
C LYS B 81 -5.09 -26.74 -13.43
N GLU B 82 -5.30 -26.78 -12.10
CA GLU B 82 -5.60 -25.59 -11.31
C GLU B 82 -4.32 -24.94 -10.78
N PHE B 83 -4.13 -23.67 -11.15
CA PHE B 83 -3.01 -22.85 -10.66
C PHE B 83 -2.99 -22.70 -9.13
N PHE B 84 -1.77 -22.69 -8.57
CA PHE B 84 -1.56 -22.42 -7.14
C PHE B 84 -2.24 -21.12 -6.74
N PHE B 85 -2.84 -21.12 -5.56
CA PHE B 85 -3.51 -19.94 -5.08
C PHE B 85 -3.35 -19.83 -3.56
N THR B 86 -3.70 -18.66 -3.01
CA THR B 86 -3.81 -18.50 -1.56
C THR B 86 -5.15 -19.06 -1.10
N LYS B 87 -5.23 -19.45 0.18
CA LYS B 87 -6.45 -20.06 0.71
C LYS B 87 -7.68 -19.18 0.43
N GLY B 88 -7.51 -17.88 0.59
CA GLY B 88 -8.59 -16.93 0.38
C GLY B 88 -9.41 -16.81 1.65
N HIS B 89 -9.89 -15.61 1.91
CA HIS B 89 -10.66 -15.38 3.13
C HIS B 89 -11.57 -14.17 2.95
N PHE B 90 -12.57 -14.09 3.82
CA PHE B 90 -13.30 -12.87 4.05
C PHE B 90 -12.66 -12.23 5.26
N HIS B 91 -12.85 -10.92 5.41
CA HIS B 91 -12.43 -10.28 6.65
C HIS B 91 -13.46 -10.56 7.75
N ALA B 92 -12.99 -10.81 8.96
CA ALA B 92 -13.86 -11.03 10.12
C ALA B 92 -14.76 -9.81 10.31
N LYS B 93 -14.20 -8.61 10.20
CA LYS B 93 -14.99 -7.40 10.08
C LYS B 93 -15.21 -7.20 8.59
N LEU B 94 -16.39 -7.58 8.13
CA LEU B 94 -16.67 -7.82 6.72
C LEU B 94 -16.50 -6.59 5.85
N ASP B 95 -16.73 -5.41 6.43
CA ASP B 95 -16.70 -4.17 5.66
C ASP B 95 -15.31 -3.54 5.52
N ARG B 96 -14.28 -4.24 6.01
CA ARG B 96 -12.92 -3.77 5.87
C ARG B 96 -12.43 -4.00 4.45
N ALA B 97 -11.94 -2.94 3.82
CA ALA B 97 -11.38 -3.00 2.48
C ALA B 97 -9.90 -3.40 2.53
N GLU B 98 -9.26 -3.45 1.37
CA GLU B 98 -7.86 -3.82 1.29
C GLU B 98 -7.29 -3.29 -0.01
N VAL B 99 -5.99 -3.02 -0.01
CA VAL B 99 -5.32 -2.55 -1.22
C VAL B 99 -4.11 -3.42 -1.45
N TYR B 100 -4.06 -4.02 -2.64
CA TYR B 100 -2.93 -4.84 -3.06
C TYR B 100 -2.11 -4.06 -4.06
N VAL B 101 -0.81 -4.27 -4.01
CA VAL B 101 0.12 -3.73 -5.00
C VAL B 101 0.96 -4.89 -5.51
N ALA B 102 0.78 -5.24 -6.79
CA ALA B 102 1.55 -6.29 -7.46
C ALA B 102 3.00 -5.84 -7.69
N LEU B 103 3.95 -6.69 -7.32
CA LEU B 103 5.36 -6.30 -7.40
C LEU B 103 6.18 -7.07 -8.42
N LYS B 104 5.87 -8.35 -8.61
CA LYS B 104 6.62 -9.22 -9.50
C LYS B 104 5.77 -10.41 -9.92
N GLY B 105 6.01 -10.88 -11.14
CA GLY B 105 5.39 -12.09 -11.64
C GLY B 105 4.08 -11.81 -12.36
N LYS B 106 3.31 -12.87 -12.56
CA LYS B 106 2.08 -12.83 -13.31
C LYS B 106 1.00 -13.56 -12.50
N GLY B 107 -0.05 -12.85 -12.14
CA GLY B 107 -1.10 -13.49 -11.37
C GLY B 107 -2.39 -12.75 -11.53
N GLY B 108 -3.21 -12.86 -10.51
CA GLY B 108 -4.46 -12.15 -10.51
C GLY B 108 -5.20 -12.43 -9.23
N MET B 109 -6.34 -11.76 -9.07
CA MET B 109 -7.13 -11.93 -7.89
C MET B 109 -8.51 -12.44 -8.26
N LEU B 110 -8.93 -13.48 -7.55
CA LEU B 110 -10.32 -13.91 -7.53
C LEU B 110 -10.99 -13.29 -6.32
N LEU B 111 -12.12 -12.64 -6.55
CA LEU B 111 -12.89 -12.01 -5.47
C LEU B 111 -14.31 -12.53 -5.50
N GLN B 112 -14.95 -12.62 -4.34
CA GLN B 112 -16.36 -12.98 -4.33
C GLN B 112 -17.16 -12.41 -3.15
N THR B 113 -18.43 -12.13 -3.43
CA THR B 113 -19.34 -11.56 -2.45
C THR B 113 -19.83 -12.65 -1.50
N PRO B 114 -20.43 -12.27 -0.35
CA PRO B 114 -21.10 -13.25 0.52
C PRO B 114 -22.17 -14.09 -0.18
N GLU B 115 -22.59 -13.66 -1.37
CA GLU B 115 -23.58 -14.41 -2.17
C GLU B 115 -22.93 -15.31 -3.21
N GLY B 116 -21.60 -15.31 -3.26
CA GLY B 116 -20.87 -16.23 -4.15
C GLY B 116 -20.66 -15.75 -5.58
N ASP B 117 -21.04 -14.51 -5.86
CA ASP B 117 -20.74 -13.90 -7.17
C ASP B 117 -19.27 -13.53 -7.22
N ALA B 118 -18.59 -13.96 -8.27
CA ALA B 118 -17.14 -13.85 -8.35
C ALA B 118 -16.65 -12.93 -9.44
N LYS B 119 -15.50 -12.30 -9.19
CA LYS B 119 -14.83 -11.42 -10.14
C LYS B 119 -13.38 -11.83 -10.27
N TRP B 120 -12.80 -11.61 -11.45
CA TRP B 120 -11.37 -11.83 -11.69
C TRP B 120 -10.67 -10.54 -12.12
N ILE B 121 -9.58 -10.20 -11.43
CA ILE B 121 -8.74 -9.06 -11.79
C ILE B 121 -7.33 -9.55 -12.10
N SER B 122 -6.90 -9.35 -13.35
CA SER B 122 -5.54 -9.67 -13.78
C SER B 122 -4.57 -8.75 -13.05
N MET B 123 -3.44 -9.29 -12.62
CA MET B 123 -2.43 -8.49 -11.90
C MET B 123 -1.04 -8.73 -12.47
N GLU B 124 -0.40 -7.63 -12.87
CA GLU B 124 0.97 -7.64 -13.33
C GLU B 124 1.70 -6.58 -12.49
N PRO B 125 3.05 -6.58 -12.49
CA PRO B 125 3.75 -5.62 -11.65
C PRO B 125 3.25 -4.19 -11.92
N GLY B 126 2.93 -3.48 -10.85
CA GLY B 126 2.39 -2.13 -10.98
C GLY B 126 0.87 -2.05 -10.83
N THR B 127 0.19 -3.20 -10.93
CA THR B 127 -1.26 -3.24 -10.73
C THR B 127 -1.60 -3.01 -9.25
N VAL B 128 -2.42 -2.01 -9.00
CA VAL B 128 -2.99 -1.78 -7.68
C VAL B 128 -4.44 -2.24 -7.71
N VAL B 129 -4.79 -3.15 -6.82
CA VAL B 129 -6.12 -3.71 -6.77
C VAL B 129 -6.84 -3.14 -5.55
N TYR B 130 -8.00 -2.55 -5.80
CA TYR B 130 -8.88 -2.12 -4.73
C TYR B 130 -9.83 -3.26 -4.42
N VAL B 131 -9.69 -3.80 -3.21
CA VAL B 131 -10.58 -4.84 -2.70
C VAL B 131 -11.62 -4.15 -1.81
N PRO B 132 -12.86 -4.02 -2.32
CA PRO B 132 -13.90 -3.30 -1.61
C PRO B 132 -14.40 -4.04 -0.36
N PRO B 133 -15.05 -3.31 0.56
CA PRO B 133 -15.76 -3.95 1.68
C PRO B 133 -16.62 -5.11 1.17
N TYR B 134 -16.63 -6.21 1.93
CA TYR B 134 -17.48 -7.40 1.70
C TYR B 134 -16.98 -8.45 0.72
N TRP B 135 -15.89 -8.17 0.02
CA TRP B 135 -15.36 -9.09 -0.97
C TRP B 135 -14.25 -10.00 -0.40
N ALA B 136 -14.48 -11.30 -0.45
CA ALA B 136 -13.43 -12.28 -0.16
C ALA B 136 -12.41 -12.22 -1.28
N HIS B 137 -11.19 -12.62 -0.99
CA HIS B 137 -10.13 -12.43 -1.96
C HIS B 137 -9.11 -13.54 -1.87
N ARG B 138 -8.75 -14.01 -3.06
CA ARG B 138 -7.77 -15.06 -3.24
C ARG B 138 -6.90 -14.60 -4.39
N THR B 139 -5.60 -14.80 -4.25
CA THR B 139 -4.68 -14.51 -5.32
C THR B 139 -4.23 -15.81 -5.97
N VAL B 140 -4.00 -15.75 -7.28
CA VAL B 140 -3.64 -16.91 -8.07
C VAL B 140 -2.39 -16.54 -8.85
N ASN B 141 -1.43 -17.47 -8.93
CA ASN B 141 -0.25 -17.36 -9.79
C ASN B 141 -0.47 -18.13 -11.10
N ILE B 142 -0.58 -17.39 -12.21
CA ILE B 142 -0.83 -17.98 -13.53
C ILE B 142 0.44 -18.15 -14.39
N GLY B 143 1.61 -17.93 -13.80
CA GLY B 143 2.88 -18.04 -14.53
C GLY B 143 3.87 -19.05 -13.99
N ASP B 144 5.13 -18.92 -14.39
CA ASP B 144 6.19 -19.90 -14.08
C ASP B 144 7.21 -19.38 -13.05
N GLU B 145 6.97 -18.18 -12.55
CA GLU B 145 7.85 -17.55 -11.59
C GLU B 145 6.99 -17.14 -10.39
N PRO B 146 7.62 -16.91 -9.22
CA PRO B 146 6.90 -16.36 -8.08
C PRO B 146 6.02 -15.14 -8.40
N PHE B 147 4.82 -15.14 -7.87
CA PHE B 147 3.94 -13.98 -7.94
C PHE B 147 4.01 -13.25 -6.58
N ILE B 148 4.50 -12.01 -6.60
CA ILE B 148 4.80 -11.26 -5.39
C ILE B 148 4.00 -9.97 -5.31
N PHE B 149 3.38 -9.73 -4.16
CA PHE B 149 2.57 -8.54 -3.98
C PHE B 149 2.59 -8.06 -2.53
N LEU B 150 2.28 -6.78 -2.36
CA LEU B 150 2.11 -6.17 -1.05
C LEU B 150 0.63 -5.88 -0.80
N ALA B 151 0.15 -6.24 0.39
CA ALA B 151 -1.22 -5.91 0.77
C ALA B 151 -1.23 -4.98 1.99
N ILE B 152 -2.14 -4.01 1.97
CA ILE B 152 -2.33 -3.09 3.08
C ILE B 152 -3.80 -3.21 3.47
N TYR B 153 -4.03 -3.50 4.74
CA TYR B 153 -5.35 -3.82 5.24
C TYR B 153 -5.56 -3.27 6.64
N PRO B 154 -6.82 -2.91 6.99
CA PRO B 154 -7.09 -2.45 8.34
C PRO B 154 -6.59 -3.47 9.37
N ALA B 155 -6.02 -2.97 10.46
CA ALA B 155 -5.46 -3.85 11.49
C ALA B 155 -6.54 -4.64 12.24
N ASP B 156 -7.77 -4.16 12.21
CA ASP B 156 -8.89 -4.86 12.85
C ASP B 156 -9.73 -5.72 11.90
N ALA B 157 -9.24 -5.90 10.67
CA ALA B 157 -9.98 -6.63 9.62
C ALA B 157 -10.19 -8.10 9.94
N GLY B 158 -9.12 -8.76 10.43
CA GLY B 158 -9.15 -10.20 10.71
C GLY B 158 -9.21 -11.04 9.46
N HIS B 159 -9.11 -12.36 9.63
CA HIS B 159 -9.22 -13.30 8.52
C HIS B 159 -10.21 -14.40 8.88
N ASP B 160 -11.20 -14.61 8.03
CA ASP B 160 -12.12 -15.73 8.19
C ASP B 160 -12.02 -16.67 7.00
N TYR B 161 -11.49 -17.87 7.24
CA TYR B 161 -11.24 -18.86 6.19
C TYR B 161 -12.35 -19.91 6.03
N GLY B 162 -13.34 -19.90 6.92
CA GLY B 162 -14.30 -20.99 7.06
C GLY B 162 -15.07 -21.47 5.85
N THR B 163 -15.95 -20.63 5.31
CA THR B 163 -16.81 -21.08 4.21
C THR B 163 -16.04 -21.34 2.92
N ILE B 164 -14.90 -20.67 2.76
CA ILE B 164 -14.07 -20.89 1.58
C ILE B 164 -13.35 -22.24 1.67
N ALA B 165 -12.83 -22.58 2.85
CA ALA B 165 -12.24 -23.90 3.10
C ALA B 165 -13.19 -25.03 2.75
N GLU B 166 -14.48 -24.81 3.04
CA GLU B 166 -15.54 -25.79 2.74
C GLU B 166 -15.96 -25.80 1.26
N LYS B 167 -16.24 -24.62 0.72
CA LYS B 167 -16.89 -24.52 -0.61
C LYS B 167 -16.06 -23.88 -1.72
N GLY B 168 -14.94 -23.28 -1.35
CA GLY B 168 -14.09 -22.55 -2.31
C GLY B 168 -14.76 -21.35 -2.94
N PHE B 169 -14.27 -20.98 -4.12
CA PHE B 169 -14.80 -19.86 -4.88
C PHE B 169 -15.69 -20.40 -6.01
N SER B 170 -16.63 -19.58 -6.49
CA SER B 170 -17.57 -20.04 -7.51
C SER B 170 -16.92 -20.15 -8.89
N LYS B 171 -15.75 -19.54 -9.02
CA LYS B 171 -14.93 -19.62 -10.23
C LYS B 171 -13.57 -20.23 -9.92
N ILE B 172 -13.03 -21.00 -10.88
CA ILE B 172 -11.67 -21.52 -10.76
C ILE B 172 -10.80 -21.02 -11.89
N VAL B 173 -9.49 -21.03 -11.65
CA VAL B 173 -8.51 -20.56 -12.62
C VAL B 173 -7.61 -21.72 -12.99
N ILE B 174 -7.71 -22.14 -14.25
CA ILE B 174 -7.05 -23.36 -14.71
C ILE B 174 -6.24 -23.12 -15.98
N GLU B 175 -5.34 -24.03 -16.26
CA GLU B 175 -4.73 -24.11 -17.59
C GLU B 175 -5.40 -25.25 -18.33
N GLU B 176 -5.90 -24.95 -19.52
CA GLU B 176 -6.63 -25.91 -20.33
C GLU B 176 -6.29 -25.59 -21.77
N ASN B 177 -5.68 -26.56 -22.46
CA ASN B 177 -5.21 -26.40 -23.84
C ASN B 177 -4.16 -25.30 -24.01
N GLY B 178 -3.23 -25.23 -23.05
CA GLY B 178 -2.15 -24.25 -23.06
C GLY B 178 -2.59 -22.83 -22.75
N GLU B 179 -3.84 -22.68 -22.30
CA GLU B 179 -4.47 -21.39 -22.14
C GLU B 179 -4.98 -21.22 -20.73
N VAL B 180 -4.71 -20.06 -20.13
CA VAL B 180 -5.29 -19.70 -18.82
C VAL B 180 -6.76 -19.36 -19.00
N LYS B 181 -7.60 -20.07 -18.24
CA LYS B 181 -9.05 -19.86 -18.29
C LYS B 181 -9.60 -19.66 -16.90
N VAL B 182 -10.44 -18.63 -16.75
CA VAL B 182 -11.28 -18.49 -15.58
C VAL B 182 -12.63 -19.10 -15.94
N VAL B 183 -12.96 -20.22 -15.30
CA VAL B 183 -14.19 -20.95 -15.58
C VAL B 183 -14.99 -21.17 -14.30
N ASP B 184 -16.26 -21.54 -14.44
CA ASP B 184 -17.07 -21.89 -13.28
C ASP B 184 -16.48 -23.08 -12.55
N ASN B 185 -16.57 -23.04 -11.22
CA ASN B 185 -16.16 -24.17 -10.39
C ASN B 185 -17.22 -25.25 -10.50
N PRO B 186 -16.86 -26.44 -11.05
CA PRO B 186 -17.79 -27.58 -11.16
C PRO B 186 -18.41 -28.00 -9.83
N ARG B 187 -17.69 -27.79 -8.73
CA ARG B 187 -18.20 -28.06 -7.37
C ARG B 187 -19.41 -27.19 -7.00
N TRP B 188 -19.49 -25.98 -7.54
CA TRP B 188 -20.63 -25.08 -7.33
C TRP B 188 -21.82 -25.49 -8.22
ZN ZN C . -2.05 11.41 5.61
C2 PAN D . -0.73 11.69 1.28
C3 PAN D . -0.64 13.21 1.17
C4 PAN D . 0.04 13.67 -0.13
C5 PAN D . 0.01 15.19 -0.30
O2 PAN D . -1.50 11.15 0.21
O3 PAN D . -1.96 13.74 1.33
O4 PAN D . 1.39 13.19 -0.17
O5 PAN D . 0.55 15.89 0.84
P PAN D . -0.34 16.93 1.70
O1P PAN D . -0.36 18.22 0.93
O2P PAN D . -1.71 16.29 1.82
O3P PAN D . 0.41 16.99 3.01
C1 PAN D . -1.35 11.38 2.61
O1 PAN D . -0.66 11.44 3.62
N PAN D . -2.65 11.08 2.64
ON1 PAN D . -3.27 11.00 3.71
ZN ZN E . -7.54 -9.76 3.42
C2 PAN F . -3.18 -10.97 2.57
C3 PAN F . -3.33 -12.49 2.70
C4 PAN F . -2.12 -13.27 2.18
C5 PAN F . -2.25 -14.78 2.30
O2 PAN F . -2.07 -10.47 3.31
O3 PAN F . -3.65 -12.79 4.07
O4 PAN F . -1.89 -12.96 0.80
O5 PAN F . -3.52 -15.28 1.83
P PAN F . -4.55 -16.04 2.83
O1P PAN F . -3.89 -17.36 3.15
O2P PAN F . -4.68 -15.13 4.03
O3P PAN F . -5.81 -16.17 2.01
C1 PAN F . -4.48 -10.37 3.04
O1 PAN F . -5.46 -10.40 2.29
N PAN F . -4.54 -9.87 4.28
ON1 PAN F . -5.63 -9.61 4.82
#